data_9OAO
#
_entry.id   9OAO
#
_cell.length_a   102.500
_cell.length_b   136.171
_cell.length_c   152.944
_cell.angle_alpha   90.000
_cell.angle_beta   90.000
_cell.angle_gamma   90.000
#
_symmetry.space_group_name_H-M   'I 2 2 2'
#
loop_
_entity.id
_entity.type
_entity.pdbx_description
1 polymer 'G001-0087 Fab heavy chain'
2 polymer 'G001-0087 Fab light chain'
3 polymer 'Germline-targeting HIV-1 gp120 engineered outer domain eOD-GT8-mingly'
4 non-polymer 2-acetamido-2-deoxy-beta-D-glucopyranose
5 water water
#
loop_
_entity_poly.entity_id
_entity_poly.type
_entity_poly.pdbx_seq_one_letter_code
_entity_poly.pdbx_strand_id
1 'polypeptide(L)'
;QVQLVQSGAEVKKPGASVKVSCKASGYTFTGNYIHWVRQAPGQGLEWVGWLNPNSGGTNYAQQFQGRVTMTRDTSISTAY
MELNRLRSDDTAVFYCARGLWQWEFRYWGQGTLVTVSSASTKGPSVFPLAPSSKSTSGGTAALGCLVKDYFPEPVTVSWN
SGALTSGVHTFPAVLQSSGLYSLSSVVTVPSSSLGTQTYICNVNHKPSNTKVDKKVEPKSC
;
H
2 'polypeptide(L)'
;DIVLTQSPGTLSLSPGERATLSCRASQSVSSSNLAWYQQKPGQAPRLLIYGASSRATGIPDRFSGSGSGTDFTLTISRLE
PEDCAVYYCQQYEGFGGGTKVEIKRTVAAPSVFIFPPSDEQLKSGTASVVCLLNNFYPREAKVQWKVDNALQSGNSQESV
TEQDSKDSTYSLSSTLTLSKADYEKHKVYACEVTHQGLSSPVTKSFNRGEC
;
L
3 'polypeptide(L)'
;ETGDTITLPCRPAPPPHCSSNITGLILTRQGGYSNANTVIFRPSGGDWRDIARCQIAGTVVSTQLFLNGSLAEEEVVIRS
EDWRDNAKSICVQLATSVEIACTGAGHCAISRAKWANTLKQIASKLREQYGAKTIIFKPSSGGDPEFVNHSFNCGGEFFY
CASTQLFASTWFASTGTHHHHHH
;
C
#
loop_
_chem_comp.id
_chem_comp.type
_chem_comp.name
_chem_comp.formula
NAG D-saccharide, beta linking 2-acetamido-2-deoxy-beta-D-glucopyranose 'C8 H15 N O6'
#
# COMPACT_ATOMS: atom_id res chain seq x y z
N GLN A 1 1.89 -26.08 -4.87
CA GLN A 1 2.30 -24.90 -4.12
C GLN A 1 1.33 -23.74 -4.38
N VAL A 2 1.05 -22.96 -3.33
CA VAL A 2 0.13 -21.85 -3.43
C VAL A 2 0.85 -20.65 -4.03
N GLN A 3 0.23 -20.03 -5.04
CA GLN A 3 0.82 -18.87 -5.68
C GLN A 3 -0.30 -17.99 -6.21
N LEU A 4 -0.02 -16.68 -6.27
CA LEU A 4 -0.95 -15.68 -6.76
C LEU A 4 -0.29 -14.90 -7.88
N VAL A 5 -0.97 -14.80 -9.01
CA VAL A 5 -0.44 -14.09 -10.15
C VAL A 5 -1.36 -12.97 -10.51
N GLN A 6 -0.85 -11.77 -10.51
CA GLN A 6 -1.67 -10.63 -10.76
C GLN A 6 -1.57 -10.08 -12.16
N SER A 7 -2.43 -9.15 -12.48
CA SER A 7 -2.44 -8.54 -13.78
C SER A 7 -1.27 -7.61 -13.95
N GLY A 8 -1.02 -7.22 -15.18
CA GLY A 8 0.05 -6.31 -15.48
C GLY A 8 -0.16 -4.87 -15.14
N ALA A 9 0.89 -4.09 -15.25
CA ALA A 9 0.83 -2.69 -14.91
C ALA A 9 -0.08 -1.84 -15.73
N GLU A 10 -0.64 -0.83 -15.09
CA GLU A 10 -1.61 0.00 -15.77
C GLU A 10 -1.31 1.47 -15.74
N VAL A 11 -1.56 2.14 -16.84
CA VAL A 11 -1.35 3.59 -16.96
C VAL A 11 -2.70 4.21 -17.28
N LYS A 12 -3.29 4.89 -16.31
CA LYS A 12 -4.62 5.47 -16.46
C LYS A 12 -4.56 6.99 -16.32
N LYS A 13 -5.56 7.66 -16.91
CA LYS A 13 -5.71 9.10 -16.78
C LYS A 13 -6.62 9.45 -15.62
N PRO A 14 -6.44 10.62 -15.01
CA PRO A 14 -7.27 10.99 -13.85
C PRO A 14 -8.75 11.03 -14.21
N GLY A 15 -9.57 10.43 -13.35
CA GLY A 15 -10.99 10.32 -13.57
C GLY A 15 -11.44 8.99 -14.13
N ALA A 16 -10.52 8.19 -14.66
CA ALA A 16 -10.85 6.90 -15.23
C ALA A 16 -10.87 5.83 -14.14
N SER A 17 -11.03 4.57 -14.53
CA SER A 17 -11.07 3.46 -13.61
C SER A 17 -10.13 2.36 -14.07
N VAL A 18 -9.78 1.48 -13.13
CA VAL A 18 -8.84 0.39 -13.40
C VAL A 18 -9.36 -0.87 -12.72
N LYS A 19 -9.10 -2.02 -13.35
CA LYS A 19 -9.49 -3.31 -12.81
C LYS A 19 -8.28 -4.23 -12.79
N VAL A 20 -7.98 -4.78 -11.62
CA VAL A 20 -6.81 -5.63 -11.40
C VAL A 20 -7.29 -7.03 -11.08
N SER A 21 -6.63 -8.03 -11.66
CA SER A 21 -6.99 -9.43 -11.45
C SER A 21 -5.94 -10.12 -10.58
N CYS A 22 -6.34 -11.26 -10.01
CA CYS A 22 -5.49 -12.01 -9.09
C CYS A 22 -5.91 -13.48 -9.18
N LYS A 23 -5.15 -14.26 -9.95
CA LYS A 23 -5.47 -15.67 -10.16
C LYS A 23 -4.77 -16.52 -9.12
N ALA A 24 -5.55 -17.34 -8.42
CA ALA A 24 -5.04 -18.22 -7.38
C ALA A 24 -4.93 -19.65 -7.90
N SER A 25 -4.00 -20.40 -7.31
CA SER A 25 -3.80 -21.80 -7.67
C SER A 25 -3.08 -22.51 -6.53
N GLY A 26 -3.25 -23.83 -6.48
CA GLY A 26 -2.63 -24.64 -5.45
C GLY A 26 -3.49 -24.91 -4.24
N TYR A 27 -4.73 -24.43 -4.20
CA TYR A 27 -5.61 -24.64 -3.07
C TYR A 27 -7.05 -24.41 -3.53
N THR A 28 -7.99 -24.73 -2.64
CA THR A 28 -9.40 -24.51 -2.92
C THR A 28 -9.70 -23.02 -2.85
N PHE A 29 -10.03 -22.42 -3.99
CA PHE A 29 -10.12 -20.96 -4.09
C PHE A 29 -11.20 -20.39 -3.17
N THR A 30 -12.25 -21.16 -2.89
CA THR A 30 -13.35 -20.67 -2.07
C THR A 30 -13.12 -20.87 -0.57
N GLY A 31 -11.95 -21.39 -0.18
CA GLY A 31 -11.67 -21.66 1.22
C GLY A 31 -11.03 -20.56 2.01
N ASN A 32 -10.47 -19.54 1.36
CA ASN A 32 -9.74 -18.49 2.06
C ASN A 32 -10.12 -17.14 1.47
N TYR A 33 -10.10 -16.12 2.33
CA TYR A 33 -10.43 -14.77 1.90
C TYR A 33 -9.28 -14.17 1.08
N ILE A 34 -9.62 -13.25 0.18
CA ILE A 34 -8.65 -12.54 -0.64
C ILE A 34 -8.59 -11.10 -0.18
N HIS A 35 -7.43 -10.67 0.29
CA HIS A 35 -7.20 -9.31 0.74
C HIS A 35 -6.44 -8.52 -0.33
N TRP A 36 -6.50 -7.20 -0.21
CA TRP A 36 -5.76 -6.30 -1.10
C TRP A 36 -5.05 -5.24 -0.26
N VAL A 37 -3.78 -5.01 -0.55
CA VAL A 37 -2.95 -4.05 0.18
C VAL A 37 -2.38 -3.06 -0.82
N ARG A 38 -2.43 -1.78 -0.46
CA ARG A 38 -1.94 -0.70 -1.31
C ARG A 38 -0.64 -0.13 -0.73
N GLN A 39 0.29 0.22 -1.61
CA GLN A 39 1.57 0.81 -1.20
C GLN A 39 1.94 1.90 -2.19
N ALA A 40 1.84 3.16 -1.76
CA ALA A 40 2.25 4.28 -2.59
C ALA A 40 3.78 4.32 -2.68
N PRO A 41 4.32 4.92 -3.74
CA PRO A 41 5.78 4.92 -3.95
C PRO A 41 6.52 5.50 -2.75
N GLY A 42 7.38 4.67 -2.14
CA GLY A 42 8.15 5.07 -0.98
C GLY A 42 7.38 5.12 0.31
N GLN A 43 6.17 4.57 0.35
CA GLN A 43 5.31 4.62 1.52
C GLN A 43 5.11 3.22 2.08
N GLY A 44 4.26 3.13 3.12
CA GLY A 44 3.99 1.88 3.78
C GLY A 44 2.82 1.12 3.19
N LEU A 45 2.43 0.06 3.88
CA LEU A 45 1.34 -0.81 3.45
C LEU A 45 0.01 -0.31 3.99
N GLU A 46 -1.04 -0.42 3.18
CA GLU A 46 -2.37 0.02 3.56
C GLU A 46 -3.40 -1.00 3.10
N TRP A 47 -4.20 -1.50 4.03
CA TRP A 47 -5.20 -2.51 3.73
C TRP A 47 -6.41 -1.87 3.05
N VAL A 48 -6.87 -2.50 1.97
CA VAL A 48 -7.97 -1.98 1.18
C VAL A 48 -9.28 -2.67 1.50
N GLY A 49 -9.27 -3.99 1.63
CA GLY A 49 -10.47 -4.74 1.89
C GLY A 49 -10.27 -6.21 1.60
N TRP A 50 -11.19 -7.02 2.12
CA TRP A 50 -11.18 -8.46 1.84
C TRP A 50 -12.45 -8.86 1.12
N LEU A 51 -12.38 -10.03 0.48
CA LEU A 51 -13.49 -10.61 -0.26
C LEU A 51 -13.62 -12.08 0.10
N ASN A 52 -14.86 -12.52 0.34
CA ASN A 52 -15.14 -13.93 0.57
C ASN A 52 -15.45 -14.58 -0.78
N PRO A 53 -14.54 -15.40 -1.33
CA PRO A 53 -14.81 -15.98 -2.66
C PRO A 53 -15.97 -16.95 -2.68
N ASN A 54 -16.37 -17.51 -1.54
CA ASN A 54 -17.46 -18.47 -1.51
C ASN A 54 -18.81 -17.78 -1.66
N SER A 55 -18.98 -16.62 -1.03
CA SER A 55 -20.25 -15.92 -1.03
C SER A 55 -20.24 -14.61 -1.80
N GLY A 56 -19.05 -14.09 -2.14
CA GLY A 56 -18.96 -12.80 -2.78
C GLY A 56 -19.04 -11.62 -1.84
N GLY A 57 -19.06 -11.85 -0.53
CA GLY A 57 -19.13 -10.75 0.40
C GLY A 57 -17.82 -9.98 0.51
N THR A 58 -17.94 -8.69 0.75
CA THR A 58 -16.79 -7.80 0.83
C THR A 58 -16.88 -6.93 2.08
N ASN A 59 -15.71 -6.43 2.49
CA ASN A 59 -15.61 -5.49 3.61
C ASN A 59 -14.48 -4.52 3.28
N TYR A 60 -14.85 -3.36 2.74
CA TYR A 60 -13.88 -2.37 2.31
C TYR A 60 -13.48 -1.46 3.45
N ALA A 61 -12.24 -0.99 3.42
CA ALA A 61 -11.81 0.04 4.36
C ALA A 61 -12.64 1.31 4.15
N GLN A 62 -12.86 2.05 5.23
CA GLN A 62 -13.71 3.23 5.16
C GLN A 62 -13.15 4.27 4.20
N GLN A 63 -11.82 4.42 4.17
CA GLN A 63 -11.21 5.39 3.28
C GLN A 63 -11.33 5.02 1.80
N PHE A 64 -11.69 3.78 1.48
CA PHE A 64 -11.91 3.37 0.10
C PHE A 64 -13.37 3.10 -0.23
N GLN A 65 -14.26 3.15 0.76
CA GLN A 65 -15.67 2.89 0.51
C GLN A 65 -16.24 3.92 -0.47
N GLY A 66 -16.73 3.43 -1.61
CA GLY A 66 -17.30 4.27 -2.65
C GLY A 66 -16.60 4.16 -3.98
N ARG A 67 -15.28 4.00 -3.97
CA ARG A 67 -14.50 3.91 -5.20
C ARG A 67 -13.96 2.52 -5.49
N VAL A 68 -14.06 1.57 -4.56
CA VAL A 68 -13.51 0.24 -4.74
C VAL A 68 -14.65 -0.77 -4.83
N THR A 69 -14.43 -1.80 -5.65
CA THR A 69 -15.37 -2.91 -5.78
C THR A 69 -14.58 -4.17 -6.06
N MET A 70 -14.82 -5.22 -5.27
CA MET A 70 -14.08 -6.47 -5.35
C MET A 70 -15.04 -7.60 -5.69
N THR A 71 -14.74 -8.32 -6.76
CA THR A 71 -15.52 -9.47 -7.23
C THR A 71 -14.57 -10.63 -7.49
N ARG A 72 -15.13 -11.76 -7.92
CA ARG A 72 -14.34 -12.94 -8.20
C ARG A 72 -15.06 -13.82 -9.22
N ASP A 73 -14.33 -14.79 -9.76
CA ASP A 73 -14.86 -15.78 -10.68
C ASP A 73 -14.32 -17.14 -10.26
N THR A 74 -15.17 -17.98 -9.69
CA THR A 74 -14.70 -19.21 -9.07
C THR A 74 -14.23 -20.22 -10.10
N SER A 75 -14.78 -20.19 -11.32
CA SER A 75 -14.40 -21.18 -12.32
C SER A 75 -12.98 -21.00 -12.83
N ILE A 76 -12.39 -19.81 -12.65
CA ILE A 76 -11.01 -19.56 -13.02
C ILE A 76 -10.16 -19.17 -11.81
N SER A 77 -10.74 -19.24 -10.61
CA SER A 77 -10.03 -18.96 -9.37
C SER A 77 -9.35 -17.59 -9.40
N THR A 78 -10.04 -16.61 -9.99
CA THR A 78 -9.51 -15.28 -10.17
C THR A 78 -10.36 -14.26 -9.41
N ALA A 79 -9.70 -13.46 -8.58
CA ALA A 79 -10.35 -12.37 -7.87
C ALA A 79 -10.02 -11.05 -8.56
N TYR A 80 -10.97 -10.13 -8.51
CA TYR A 80 -10.84 -8.84 -9.17
C TYR A 80 -10.99 -7.71 -8.16
N MET A 81 -10.33 -6.59 -8.46
CA MET A 81 -10.38 -5.40 -7.62
C MET A 81 -10.43 -4.20 -8.56
N GLU A 82 -11.55 -3.48 -8.56
CA GLU A 82 -11.74 -2.33 -9.41
C GLU A 82 -11.75 -1.05 -8.57
N LEU A 83 -11.03 -0.03 -9.04
CA LEU A 83 -10.95 1.25 -8.37
C LEU A 83 -11.39 2.33 -9.37
N ASN A 84 -12.53 2.96 -9.10
CA ASN A 84 -13.10 3.96 -9.99
C ASN A 84 -12.70 5.37 -9.53
N ARG A 85 -12.87 6.32 -10.44
CA ARG A 85 -12.63 7.74 -10.18
C ARG A 85 -11.23 7.97 -9.62
N LEU A 86 -10.23 7.55 -10.41
CA LEU A 86 -8.84 7.63 -9.99
C LEU A 86 -8.36 9.07 -9.90
N ARG A 87 -7.52 9.35 -8.92
CA ARG A 87 -6.86 10.64 -8.77
C ARG A 87 -5.35 10.48 -8.98
N SER A 88 -4.67 11.63 -9.02
CA SER A 88 -3.21 11.60 -9.21
C SER A 88 -2.52 10.94 -8.03
N ASP A 89 -3.03 11.15 -6.82
CA ASP A 89 -2.45 10.54 -5.62
C ASP A 89 -2.82 9.07 -5.47
N ASP A 90 -3.57 8.49 -6.41
CA ASP A 90 -3.88 7.07 -6.36
C ASP A 90 -2.81 6.21 -7.00
N THR A 91 -1.73 6.81 -7.49
CA THR A 91 -0.61 6.04 -8.04
C THR A 91 0.04 5.21 -6.94
N ALA A 92 -0.05 3.89 -7.08
CA ALA A 92 0.49 2.99 -6.07
C ALA A 92 0.57 1.59 -6.65
N VAL A 93 1.18 0.68 -5.89
CA VAL A 93 1.26 -0.73 -6.22
C VAL A 93 0.23 -1.49 -5.39
N PHE A 94 -0.60 -2.28 -6.05
CA PHE A 94 -1.66 -3.04 -5.40
C PHE A 94 -1.26 -4.51 -5.35
N TYR A 95 -1.27 -5.08 -4.14
CA TYR A 95 -1.01 -6.50 -3.94
C TYR A 95 -2.30 -7.20 -3.53
N CYS A 96 -2.46 -8.44 -3.98
CA CYS A 96 -3.45 -9.35 -3.42
C CYS A 96 -2.72 -10.37 -2.54
N ALA A 97 -3.30 -10.66 -1.39
CA ALA A 97 -2.66 -11.52 -0.41
C ALA A 97 -3.66 -12.53 0.15
N ARG A 98 -3.10 -13.60 0.69
CA ARG A 98 -3.89 -14.65 1.33
C ARG A 98 -3.21 -15.03 2.63
N GLY A 99 -4.00 -15.24 3.67
CA GLY A 99 -3.46 -15.60 4.95
C GLY A 99 -3.41 -17.11 5.17
N LEU A 100 -2.57 -17.51 6.13
CA LEU A 100 -2.54 -18.92 6.53
C LEU A 100 -3.91 -19.36 7.04
N TRP A 101 -4.56 -18.52 7.83
CA TRP A 101 -5.92 -18.78 8.28
C TRP A 101 -6.78 -17.56 8.00
N GLN A 102 -6.20 -16.37 8.09
CA GLN A 102 -6.89 -15.15 7.71
C GLN A 102 -5.91 -14.00 7.45
N TRP A 103 -5.29 -13.48 8.51
CA TRP A 103 -4.47 -12.29 8.41
C TRP A 103 -2.97 -12.57 8.29
N GLU A 104 -2.55 -13.81 8.51
CA GLU A 104 -1.12 -14.17 8.42
C GLU A 104 -0.76 -14.30 6.95
N PHE A 105 -0.57 -13.16 6.30
CA PHE A 105 -0.34 -13.10 4.86
C PHE A 105 0.98 -13.74 4.46
N ARG A 106 0.96 -15.05 4.25
CA ARG A 106 2.16 -15.76 3.79
C ARG A 106 2.27 -15.81 2.27
N TYR A 107 1.17 -15.63 1.55
CA TYR A 107 1.15 -15.72 0.10
C TYR A 107 0.75 -14.36 -0.47
N TRP A 108 1.62 -13.78 -1.28
CA TRP A 108 1.39 -12.49 -1.92
C TRP A 108 1.50 -12.62 -3.43
N GLY A 109 0.81 -11.74 -4.14
CA GLY A 109 1.05 -11.59 -5.56
C GLY A 109 2.28 -10.75 -5.82
N GLN A 110 2.75 -10.77 -7.07
CA GLN A 110 3.93 -10.00 -7.42
C GLN A 110 3.68 -8.50 -7.42
N GLY A 111 2.44 -8.07 -7.36
CA GLY A 111 2.10 -6.66 -7.35
C GLY A 111 1.72 -6.15 -8.72
N THR A 112 0.90 -5.10 -8.73
CA THR A 112 0.46 -4.45 -9.96
C THR A 112 0.63 -2.95 -9.79
N LEU A 113 1.51 -2.36 -10.59
CA LEU A 113 1.72 -0.91 -10.54
C LEU A 113 0.60 -0.21 -11.30
N VAL A 114 -0.05 0.73 -10.63
CA VAL A 114 -1.13 1.53 -11.22
C VAL A 114 -0.72 2.98 -11.11
N THR A 115 -0.27 3.57 -12.21
CA THR A 115 0.14 4.97 -12.24
C THR A 115 -0.96 5.80 -12.89
N VAL A 116 -1.33 6.89 -12.23
CA VAL A 116 -2.35 7.82 -12.73
C VAL A 116 -1.64 9.09 -13.17
N SER A 117 -1.80 9.44 -14.45
CA SER A 117 -1.15 10.62 -15.01
C SER A 117 -1.87 11.03 -16.28
N SER A 118 -1.90 12.33 -16.54
CA SER A 118 -2.45 12.87 -17.77
C SER A 118 -1.42 12.96 -18.88
N ALA A 119 -0.16 12.61 -18.60
CA ALA A 119 0.88 12.66 -19.60
C ALA A 119 0.72 11.52 -20.61
N SER A 120 1.38 11.69 -21.76
CA SER A 120 1.39 10.68 -22.81
C SER A 120 2.78 10.07 -22.93
N THR A 121 2.86 8.99 -23.70
CA THR A 121 4.13 8.33 -23.92
C THR A 121 5.09 9.26 -24.66
N LYS A 122 6.28 9.46 -24.09
CA LYS A 122 7.25 10.38 -24.66
C LYS A 122 8.66 9.84 -24.42
N GLY A 123 9.51 9.96 -25.44
CA GLY A 123 10.88 9.56 -25.33
C GLY A 123 11.73 10.60 -24.62
N PRO A 124 12.85 10.17 -24.07
CA PRO A 124 13.71 11.09 -23.31
C PRO A 124 14.71 11.84 -24.17
N SER A 125 15.17 12.97 -23.65
CA SER A 125 16.27 13.71 -24.22
C SER A 125 17.52 13.45 -23.39
N VAL A 126 18.60 13.02 -24.03
CA VAL A 126 19.83 12.65 -23.35
C VAL A 126 20.83 13.79 -23.54
N PHE A 127 21.19 14.45 -22.44
CA PHE A 127 22.16 15.51 -22.46
C PHE A 127 23.42 15.13 -21.69
N PRO A 128 24.59 15.57 -22.14
CA PRO A 128 25.83 15.15 -21.50
C PRO A 128 26.12 15.93 -20.23
N LEU A 129 26.79 15.26 -19.30
CA LEU A 129 27.35 15.87 -18.10
C LEU A 129 28.86 15.86 -18.28
N ALA A 130 29.36 16.83 -19.04
CA ALA A 130 30.75 16.81 -19.48
C ALA A 130 31.69 17.01 -18.28
N PRO A 131 32.81 16.30 -18.25
CA PRO A 131 33.81 16.55 -17.21
C PRO A 131 34.60 17.83 -17.48
N SER A 132 35.24 18.32 -16.44
CA SER A 132 36.02 19.55 -16.53
C SER A 132 37.33 19.34 -15.78
N SER A 133 37.94 20.44 -15.34
CA SER A 133 39.22 20.40 -14.63
C SER A 133 39.10 19.63 -13.31
N GLY A 139 43.14 12.81 -9.35
CA GLY A 139 43.14 11.65 -10.22
C GLY A 139 41.82 11.30 -10.84
N THR A 140 40.74 11.48 -10.10
CA THR A 140 39.44 11.06 -10.59
C THR A 140 38.54 12.13 -11.18
N ALA A 141 38.05 11.92 -12.39
CA ALA A 141 37.11 12.82 -13.02
C ALA A 141 35.73 12.16 -13.12
N ALA A 142 34.70 12.99 -13.13
CA ALA A 142 33.32 12.51 -13.15
C ALA A 142 32.60 13.03 -14.40
N LEU A 143 31.82 12.14 -15.01
CA LEU A 143 31.01 12.50 -16.16
C LEU A 143 29.75 11.63 -16.15
N GLY A 144 28.78 12.01 -16.97
CA GLY A 144 27.55 11.26 -17.03
C GLY A 144 26.60 11.79 -18.09
N CYS A 145 25.38 11.27 -18.05
CA CYS A 145 24.32 11.64 -18.98
C CYS A 145 23.06 12.00 -18.21
N LEU A 146 22.31 12.97 -18.75
CA LEU A 146 21.09 13.47 -18.13
C LEU A 146 19.91 13.00 -18.98
N VAL A 147 19.19 11.99 -18.48
CA VAL A 147 18.03 11.44 -19.16
C VAL A 147 16.80 12.21 -18.65
N LYS A 148 16.30 13.12 -19.49
CA LYS A 148 15.30 14.09 -19.06
C LYS A 148 14.03 13.99 -19.91
N ASP A 149 12.89 14.22 -19.25
CA ASP A 149 11.57 14.31 -19.88
C ASP A 149 11.21 13.05 -20.66
N TYR A 150 10.69 12.04 -19.96
CA TYR A 150 10.19 10.83 -20.59
C TYR A 150 9.03 10.31 -19.77
N PHE A 151 8.21 9.46 -20.41
CA PHE A 151 7.04 8.88 -19.76
C PHE A 151 6.58 7.69 -20.57
N PRO A 152 6.27 6.55 -19.93
CA PRO A 152 6.45 6.37 -18.49
C PRO A 152 7.76 5.67 -18.16
N GLU A 153 7.89 5.20 -16.92
CA GLU A 153 9.04 4.41 -16.53
C GLU A 153 8.95 3.03 -17.18
N PRO A 154 10.09 2.32 -17.31
CA PRO A 154 11.45 2.70 -16.88
C PRO A 154 12.36 3.16 -18.02
N VAL A 155 13.60 3.45 -17.66
CA VAL A 155 14.66 3.80 -18.60
C VAL A 155 15.93 3.11 -18.15
N THR A 156 16.55 2.34 -19.05
CA THR A 156 17.80 1.65 -18.76
C THR A 156 18.96 2.48 -19.27
N VAL A 157 20.07 2.45 -18.54
CA VAL A 157 21.29 3.14 -18.92
C VAL A 157 22.45 2.16 -18.87
N SER A 158 23.31 2.22 -19.87
CA SER A 158 24.52 1.40 -19.93
C SER A 158 25.66 2.27 -20.41
N TRP A 159 26.89 1.91 -20.03
CA TRP A 159 28.09 2.65 -20.39
C TRP A 159 29.01 1.76 -21.20
N ASN A 160 29.30 2.18 -22.44
CA ASN A 160 30.19 1.46 -23.35
C ASN A 160 29.71 0.04 -23.60
N SER A 161 28.39 -0.11 -23.75
CA SER A 161 27.77 -1.40 -24.09
C SER A 161 28.14 -2.49 -23.08
N GLY A 162 28.19 -2.11 -21.80
CA GLY A 162 28.50 -3.05 -20.74
C GLY A 162 29.97 -3.24 -20.45
N ALA A 163 30.86 -2.50 -21.14
CA ALA A 163 32.29 -2.62 -20.88
C ALA A 163 32.74 -1.78 -19.70
N LEU A 164 31.95 -0.79 -19.29
CA LEU A 164 32.26 0.08 -18.16
C LEU A 164 31.14 -0.04 -17.15
N THR A 165 31.44 -0.67 -16.01
CA THR A 165 30.43 -0.87 -14.97
C THR A 165 30.93 -0.38 -13.61
N SER A 166 32.23 -0.41 -13.40
CA SER A 166 32.78 0.02 -12.12
C SER A 166 32.62 1.52 -11.95
N GLY A 167 32.17 1.94 -10.76
CA GLY A 167 31.97 3.34 -10.49
C GLY A 167 30.76 3.97 -11.14
N VAL A 168 29.85 3.16 -11.67
CA VAL A 168 28.65 3.67 -12.33
C VAL A 168 27.54 3.81 -11.30
N HIS A 169 26.86 4.94 -11.31
CA HIS A 169 25.70 5.19 -10.46
C HIS A 169 24.56 5.71 -11.31
N THR A 170 23.50 4.91 -11.44
CA THR A 170 22.29 5.31 -12.14
C THR A 170 21.23 5.63 -11.10
N PHE A 171 20.87 6.91 -11.00
CA PHE A 171 19.97 7.37 -9.96
C PHE A 171 18.52 7.02 -10.29
N PRO A 172 17.69 6.80 -9.28
CA PRO A 172 16.27 6.59 -9.53
C PRO A 172 15.62 7.83 -10.12
N ALA A 173 14.58 7.61 -10.91
CA ALA A 173 13.88 8.71 -11.56
C ALA A 173 13.13 9.56 -10.55
N VAL A 174 13.00 10.85 -10.85
CA VAL A 174 12.20 11.77 -10.07
C VAL A 174 11.06 12.27 -10.95
N LEU A 175 9.87 12.38 -10.35
CA LEU A 175 8.70 12.88 -11.07
C LEU A 175 8.74 14.40 -11.06
N GLN A 176 8.94 15.00 -12.22
CA GLN A 176 8.98 16.45 -12.33
C GLN A 176 7.57 17.03 -12.25
N SER A 177 7.50 18.35 -12.04
CA SER A 177 6.21 19.02 -11.93
C SER A 177 5.42 18.97 -13.23
N SER A 178 6.09 18.77 -14.36
CA SER A 178 5.42 18.69 -15.66
C SER A 178 4.75 17.35 -15.89
N GLY A 179 4.94 16.37 -15.02
CA GLY A 179 4.41 15.04 -15.20
C GLY A 179 5.36 14.08 -15.89
N LEU A 180 6.54 14.53 -16.28
CA LEU A 180 7.53 13.70 -16.95
C LEU A 180 8.62 13.29 -15.97
N TYR A 181 9.18 12.10 -16.19
CA TYR A 181 10.24 11.59 -15.35
C TYR A 181 11.60 12.08 -15.84
N SER A 182 12.60 11.92 -14.98
CA SER A 182 13.97 12.34 -15.30
C SER A 182 14.92 11.69 -14.32
N LEU A 183 16.10 11.31 -14.80
CA LEU A 183 17.13 10.74 -13.95
C LEU A 183 18.49 11.11 -14.53
N SER A 184 19.54 10.67 -13.83
CA SER A 184 20.91 10.87 -14.29
C SER A 184 21.72 9.61 -13.99
N SER A 185 22.66 9.32 -14.89
CA SER A 185 23.61 8.23 -14.71
C SER A 185 25.02 8.82 -14.76
N VAL A 186 25.82 8.51 -13.75
CA VAL A 186 27.15 9.08 -13.63
C VAL A 186 28.17 7.96 -13.45
N VAL A 187 29.43 8.29 -13.71
CA VAL A 187 30.54 7.36 -13.53
C VAL A 187 31.81 8.16 -13.32
N THR A 188 32.65 7.70 -12.41
CA THR A 188 33.93 8.34 -12.12
C THR A 188 35.04 7.59 -12.85
N VAL A 189 35.88 8.33 -13.57
CA VAL A 189 36.93 7.74 -14.38
C VAL A 189 38.24 8.48 -14.09
N PRO A 190 39.38 7.87 -14.40
CA PRO A 190 40.66 8.57 -14.22
C PRO A 190 40.76 9.80 -15.10
N SER A 191 41.43 10.83 -14.58
CA SER A 191 41.56 12.08 -15.32
C SER A 191 42.43 11.89 -16.56
N SER A 192 43.45 11.04 -16.48
CA SER A 192 44.31 10.78 -17.64
C SER A 192 43.58 10.02 -18.73
N SER A 193 42.52 9.29 -18.40
CA SER A 193 41.77 8.55 -19.41
C SER A 193 40.97 9.46 -20.34
N LEU A 194 40.72 10.70 -19.93
CA LEU A 194 39.97 11.63 -20.77
C LEU A 194 40.74 11.93 -22.05
N GLY A 195 40.00 12.07 -23.14
CA GLY A 195 40.60 12.38 -24.42
C GLY A 195 41.03 11.12 -25.16
N THR A 196 41.66 10.19 -24.46
CA THR A 196 42.11 8.95 -25.07
C THR A 196 41.03 7.87 -25.05
N GLN A 197 40.21 7.83 -24.00
CA GLN A 197 39.17 6.82 -23.84
C GLN A 197 37.82 7.42 -24.20
N THR A 198 37.04 6.70 -25.01
CA THR A 198 35.71 7.13 -25.40
C THR A 198 34.69 6.60 -24.42
N TYR A 199 33.77 7.47 -23.98
CA TYR A 199 32.73 7.10 -23.03
C TYR A 199 31.36 7.33 -23.66
N ILE A 200 30.62 6.24 -23.85
CA ILE A 200 29.30 6.27 -24.47
C ILE A 200 28.28 5.79 -23.45
N CYS A 201 27.22 6.57 -23.26
CA CYS A 201 26.10 6.15 -22.43
C CYS A 201 24.98 5.65 -23.34
N ASN A 202 24.44 4.47 -23.02
CA ASN A 202 23.43 3.82 -23.84
C ASN A 202 22.10 3.91 -23.11
N VAL A 203 21.19 4.74 -23.62
CA VAL A 203 19.89 4.98 -23.02
C VAL A 203 18.83 4.30 -23.87
N ASN A 204 17.97 3.51 -23.23
CA ASN A 204 16.86 2.84 -23.89
C ASN A 204 15.56 3.15 -23.18
N HIS A 205 14.49 3.29 -23.95
CA HIS A 205 13.16 3.55 -23.41
C HIS A 205 12.18 2.64 -24.13
N LYS A 206 11.85 1.51 -23.52
CA LYS A 206 10.97 0.54 -24.15
C LYS A 206 9.59 1.08 -24.50
N PRO A 207 8.89 1.84 -23.64
CA PRO A 207 7.53 2.28 -24.00
C PRO A 207 7.48 3.15 -25.25
N SER A 208 8.54 3.90 -25.56
CA SER A 208 8.55 4.78 -26.71
C SER A 208 9.45 4.30 -27.84
N ASN A 209 10.10 3.14 -27.67
CA ASN A 209 11.01 2.60 -28.68
C ASN A 209 12.11 3.60 -29.02
N THR A 210 12.70 4.19 -27.98
CA THR A 210 13.75 5.19 -28.12
C THR A 210 15.09 4.57 -27.74
N LYS A 211 16.11 4.82 -28.57
CA LYS A 211 17.46 4.31 -28.33
C LYS A 211 18.44 5.41 -28.71
N VAL A 212 19.13 5.95 -27.70
CA VAL A 212 20.06 7.06 -27.90
C VAL A 212 21.43 6.66 -27.39
N ASP A 213 22.46 6.97 -28.18
CA ASP A 213 23.86 6.69 -27.84
C ASP A 213 24.61 8.01 -27.86
N LYS A 214 24.55 8.74 -26.74
CA LYS A 214 25.20 10.03 -26.62
C LYS A 214 26.64 9.84 -26.15
N LYS A 215 27.57 10.48 -26.86
CA LYS A 215 28.97 10.45 -26.50
C LYS A 215 29.29 11.63 -25.60
N VAL A 216 29.95 11.36 -24.47
CA VAL A 216 30.29 12.39 -23.49
C VAL A 216 31.73 12.81 -23.71
N GLU A 217 31.93 14.08 -24.06
CA GLU A 217 33.26 14.62 -24.30
C GLU A 217 33.53 15.80 -23.38
N PRO A 218 34.81 16.06 -23.08
CA PRO A 218 35.15 17.28 -22.33
C PRO A 218 34.90 18.53 -23.17
N LYS A 219 35.16 19.69 -22.55
CA LYS A 219 34.78 21.00 -23.09
C LYS A 219 33.29 21.06 -23.40
N ASP B 1 -9.39 2.95 17.72
CA ASP B 1 -8.82 1.86 16.92
C ASP B 1 -7.45 1.46 17.45
N ILE B 2 -6.72 0.68 16.65
CA ILE B 2 -5.39 0.19 17.01
C ILE B 2 -4.37 0.90 16.12
N VAL B 3 -3.36 1.50 16.76
CA VAL B 3 -2.27 2.17 16.05
C VAL B 3 -0.97 1.48 16.42
N LEU B 4 -0.20 1.10 15.40
CA LEU B 4 1.08 0.43 15.60
C LEU B 4 2.20 1.39 15.26
N THR B 5 3.01 1.72 16.26
CA THR B 5 4.14 2.63 16.10
C THR B 5 5.42 1.82 16.14
N GLN B 6 6.19 1.89 15.05
CA GLN B 6 7.48 1.22 14.96
C GLN B 6 8.61 2.23 15.13
N SER B 7 9.63 1.84 15.88
CA SER B 7 10.78 2.67 16.14
C SER B 7 12.03 1.80 16.16
N PRO B 8 13.15 2.29 15.60
CA PRO B 8 13.25 3.59 14.94
C PRO B 8 12.75 3.55 13.50
N GLY B 9 12.68 4.71 12.85
CA GLY B 9 12.32 4.73 11.44
C GLY B 9 13.37 4.08 10.57
N THR B 10 14.65 4.29 10.91
CA THR B 10 15.76 3.69 10.18
C THR B 10 16.76 3.17 11.20
N LEU B 11 17.12 1.90 11.09
CA LEU B 11 18.05 1.25 12.01
C LEU B 11 19.33 0.93 11.26
N SER B 12 20.45 1.48 11.74
CA SER B 12 21.76 1.25 11.16
C SER B 12 22.57 0.34 12.10
N LEU B 13 23.09 -0.75 11.55
CA LEU B 13 23.83 -1.72 12.34
C LEU B 13 25.02 -2.24 11.55
N SER B 14 26.13 -2.46 12.25
CA SER B 14 27.29 -3.08 11.64
C SER B 14 26.99 -4.54 11.33
N PRO B 15 27.57 -5.07 10.25
CA PRO B 15 27.32 -6.47 9.88
C PRO B 15 27.69 -7.42 11.01
N GLY B 16 26.75 -8.30 11.35
CA GLY B 16 26.99 -9.33 12.35
C GLY B 16 26.47 -9.04 13.74
N GLU B 17 25.93 -7.85 13.98
CA GLU B 17 25.44 -7.52 15.31
C GLU B 17 23.94 -7.81 15.41
N ARG B 18 23.40 -7.67 16.62
CA ARG B 18 22.00 -8.00 16.87
C ARG B 18 21.10 -6.82 16.52
N ALA B 19 19.95 -7.13 15.94
CA ALA B 19 18.94 -6.14 15.63
C ALA B 19 17.79 -6.23 16.63
N THR B 20 17.20 -5.07 16.93
CA THR B 20 16.09 -4.99 17.87
C THR B 20 15.06 -4.02 17.30
N LEU B 21 13.97 -4.55 16.78
CA LEU B 21 12.89 -3.75 16.20
C LEU B 21 11.66 -3.85 17.11
N SER B 22 11.13 -2.71 17.52
CA SER B 22 9.99 -2.67 18.42
C SER B 22 8.75 -2.23 17.68
N CYS B 23 7.59 -2.69 18.18
CA CYS B 23 6.29 -2.37 17.62
C CYS B 23 5.37 -2.04 18.79
N ARG B 24 5.08 -0.76 18.97
CA ARG B 24 4.23 -0.32 20.07
C ARG B 24 2.80 -0.15 19.58
N ALA B 25 1.86 -0.75 20.31
CA ALA B 25 0.44 -0.60 20.03
C ALA B 25 -0.16 0.46 20.95
N SER B 26 -1.09 1.25 20.41
CA SER B 26 -1.72 2.30 21.20
C SER B 26 -2.58 1.75 22.33
N GLN B 27 -2.96 0.49 22.26
CA GLN B 27 -3.76 -0.15 23.29
C GLN B 27 -3.24 -1.56 23.53
N SER B 28 -3.70 -2.18 24.60
CA SER B 28 -3.30 -3.55 24.91
C SER B 28 -3.97 -4.50 23.92
N VAL B 29 -3.16 -5.28 23.21
CA VAL B 29 -3.65 -6.21 22.20
C VAL B 29 -3.20 -7.62 22.55
N SER B 30 -3.80 -8.60 21.88
CA SER B 30 -3.44 -9.99 22.10
C SER B 30 -2.25 -10.37 21.24
N SER B 31 -1.37 -11.22 21.80
CA SER B 31 -0.18 -11.64 21.08
C SER B 31 -0.50 -12.60 19.95
N SER B 32 -1.69 -13.22 19.96
CA SER B 32 -2.05 -14.18 18.93
C SER B 32 -2.30 -13.54 17.56
N ASN B 33 -2.32 -12.21 17.47
CA ASN B 33 -2.57 -11.54 16.20
C ASN B 33 -1.47 -10.55 15.83
N LEU B 34 -0.25 -10.77 16.31
CA LEU B 34 0.89 -9.93 15.96
C LEU B 34 1.72 -10.64 14.90
N ALA B 35 1.93 -9.97 13.76
CA ALA B 35 2.69 -10.54 12.66
C ALA B 35 3.81 -9.59 12.26
N TRP B 36 4.90 -10.16 11.75
CA TRP B 36 6.04 -9.39 11.25
C TRP B 36 6.29 -9.76 9.79
N TYR B 37 6.67 -8.75 9.01
CA TYR B 37 6.91 -8.93 7.58
C TYR B 37 8.25 -8.32 7.20
N GLN B 38 8.80 -8.81 6.08
CA GLN B 38 10.04 -8.29 5.51
C GLN B 38 9.79 -7.99 4.04
N GLN B 39 10.09 -6.76 3.62
CA GLN B 39 9.89 -6.33 2.24
C GLN B 39 11.17 -5.73 1.70
N LYS B 40 11.76 -6.38 0.72
CA LYS B 40 12.93 -5.89 0.01
C LYS B 40 12.50 -5.03 -1.17
N PRO B 41 13.36 -4.13 -1.64
CA PRO B 41 12.99 -3.27 -2.77
C PRO B 41 12.64 -4.08 -4.00
N GLY B 42 11.52 -3.72 -4.62
CA GLY B 42 11.06 -4.39 -5.82
C GLY B 42 10.34 -5.71 -5.60
N GLN B 43 10.09 -6.08 -4.35
CA GLN B 43 9.45 -7.35 -4.04
C GLN B 43 8.27 -7.12 -3.11
N ALA B 44 7.44 -8.14 -2.98
CA ALA B 44 6.31 -8.12 -2.07
C ALA B 44 6.77 -8.42 -0.65
N PRO B 45 5.99 -8.03 0.36
CA PRO B 45 6.34 -8.40 1.73
C PRO B 45 6.35 -9.91 1.92
N ARG B 46 7.25 -10.36 2.80
CA ARG B 46 7.41 -11.77 3.12
C ARG B 46 7.12 -11.98 4.59
N LEU B 47 6.22 -12.92 4.89
CA LEU B 47 5.84 -13.19 6.27
C LEU B 47 7.00 -13.83 7.02
N LEU B 48 7.42 -13.20 8.12
CA LEU B 48 8.48 -13.71 8.97
C LEU B 48 7.94 -14.41 10.21
N ILE B 49 7.19 -13.68 11.03
CA ILE B 49 6.66 -14.18 12.29
C ILE B 49 5.16 -13.92 12.31
N TYR B 50 4.39 -14.89 12.80
CA TYR B 50 2.98 -14.72 13.07
C TYR B 50 2.69 -15.16 14.49
N GLY B 51 1.62 -14.63 15.07
CA GLY B 51 1.31 -14.93 16.45
C GLY B 51 2.39 -14.47 17.41
N ALA B 52 2.99 -13.31 17.15
CA ALA B 52 4.01 -12.68 17.99
C ALA B 52 5.33 -13.45 18.00
N SER B 53 5.28 -14.79 18.03
CA SER B 53 6.51 -15.56 18.17
C SER B 53 6.62 -16.78 17.27
N SER B 54 5.56 -17.20 16.58
CA SER B 54 5.63 -18.38 15.73
C SER B 54 6.32 -18.04 14.42
N ARG B 55 7.40 -18.74 14.12
CA ARG B 55 8.16 -18.52 12.90
C ARG B 55 7.49 -19.18 11.71
N ALA B 56 7.49 -18.50 10.58
CA ALA B 56 6.91 -19.04 9.37
C ALA B 56 7.84 -20.08 8.74
N THR B 57 7.27 -20.87 7.82
CA THR B 57 8.03 -21.91 7.14
C THR B 57 9.05 -21.29 6.19
N GLY B 58 10.29 -21.78 6.25
CA GLY B 58 11.36 -21.32 5.41
C GLY B 58 12.15 -20.15 5.97
N ILE B 59 11.80 -19.64 7.14
CA ILE B 59 12.46 -18.47 7.71
C ILE B 59 13.63 -18.94 8.57
N PRO B 60 14.82 -18.34 8.41
CA PRO B 60 15.97 -18.72 9.24
C PRO B 60 15.68 -18.48 10.71
N ASP B 61 16.32 -19.29 11.56
CA ASP B 61 16.08 -19.23 13.00
C ASP B 61 16.67 -17.99 13.64
N ARG B 62 17.44 -17.18 12.91
CA ARG B 62 17.98 -15.96 13.51
C ARG B 62 16.93 -14.88 13.71
N PHE B 63 15.73 -15.07 13.17
CA PHE B 63 14.62 -14.16 13.41
C PHE B 63 13.80 -14.67 14.60
N SER B 64 13.44 -13.75 15.50
CA SER B 64 12.70 -14.12 16.70
C SER B 64 11.72 -13.01 17.05
N GLY B 65 10.63 -13.40 17.69
CA GLY B 65 9.63 -12.45 18.13
C GLY B 65 9.19 -12.71 19.56
N SER B 66 8.81 -11.64 20.24
CA SER B 66 8.38 -11.73 21.64
C SER B 66 7.58 -10.48 21.98
N GLY B 67 7.08 -10.45 23.20
CA GLY B 67 6.34 -9.32 23.72
C GLY B 67 4.87 -9.66 23.98
N SER B 68 4.23 -8.75 24.70
CA SER B 68 2.80 -8.85 24.98
C SER B 68 2.28 -7.48 25.36
N GLY B 69 0.96 -7.38 25.48
CA GLY B 69 0.32 -6.13 25.84
C GLY B 69 0.43 -5.07 24.76
N THR B 70 1.38 -4.13 24.93
CA THR B 70 1.57 -3.06 23.97
C THR B 70 2.93 -3.06 23.30
N ASP B 71 3.92 -3.76 23.84
CA ASP B 71 5.25 -3.82 23.26
C ASP B 71 5.50 -5.19 22.64
N PHE B 72 5.97 -5.19 21.39
CA PHE B 72 6.36 -6.40 20.69
C PHE B 72 7.69 -6.15 20.00
N THR B 73 8.54 -7.17 19.97
CA THR B 73 9.91 -7.02 19.49
C THR B 73 10.23 -8.10 18.46
N LEU B 74 10.77 -7.67 17.33
CA LEU B 74 11.36 -8.56 16.34
C LEU B 74 12.88 -8.50 16.48
N THR B 75 13.51 -9.66 16.66
CA THR B 75 14.93 -9.73 16.94
C THR B 75 15.64 -10.50 15.84
N ILE B 76 16.70 -9.91 15.31
CA ILE B 76 17.61 -10.58 14.37
C ILE B 76 18.92 -10.78 15.12
N SER B 77 19.23 -12.04 15.47
CA SER B 77 20.36 -12.33 16.35
C SER B 77 21.67 -11.89 15.71
N ARG B 78 21.87 -12.23 14.44
CA ARG B 78 23.10 -11.88 13.73
C ARG B 78 22.71 -11.28 12.38
N LEU B 79 22.88 -9.97 12.25
CA LEU B 79 22.46 -9.27 11.03
C LEU B 79 23.36 -9.66 9.86
N GLU B 80 22.75 -10.20 8.82
CA GLU B 80 23.32 -10.56 7.54
C GLU B 80 23.11 -9.43 6.54
N PRO B 81 24.02 -9.25 5.57
CA PRO B 81 23.80 -8.19 4.57
C PRO B 81 22.56 -8.40 3.74
N GLU B 82 22.12 -9.66 3.58
CA GLU B 82 20.88 -9.95 2.87
C GLU B 82 19.64 -9.54 3.66
N ASP B 83 19.79 -9.17 4.92
CA ASP B 83 18.67 -8.79 5.77
C ASP B 83 18.31 -7.32 5.68
N CYS B 84 18.88 -6.59 4.73
CA CYS B 84 18.57 -5.17 4.55
C CYS B 84 17.24 -5.06 3.83
N ALA B 85 16.21 -4.60 4.55
CA ALA B 85 14.88 -4.43 4.00
C ALA B 85 14.09 -3.54 4.94
N VAL B 86 12.81 -3.37 4.64
CA VAL B 86 11.86 -2.68 5.50
C VAL B 86 11.01 -3.72 6.20
N TYR B 87 10.80 -3.55 7.51
CA TYR B 87 10.08 -4.51 8.32
C TYR B 87 8.84 -3.85 8.90
N TYR B 88 7.70 -4.52 8.74
CA TYR B 88 6.41 -4.04 9.23
C TYR B 88 5.85 -5.01 10.26
N CYS B 89 5.11 -4.47 11.22
CA CYS B 89 4.30 -5.29 12.10
C CYS B 89 2.82 -5.09 11.76
N GLN B 90 2.02 -6.11 12.05
CA GLN B 90 0.63 -6.16 11.62
C GLN B 90 -0.28 -6.54 12.78
N GLN B 91 -1.44 -5.89 12.83
CA GLN B 91 -2.50 -6.24 13.79
C GLN B 91 -3.82 -6.13 13.03
N TYR B 92 -4.35 -7.27 12.59
CA TYR B 92 -5.55 -7.34 11.75
C TYR B 92 -5.25 -6.55 10.48
N GLU B 93 -5.99 -5.50 10.17
CA GLU B 93 -5.74 -4.70 8.97
C GLU B 93 -4.78 -3.54 9.22
N GLY B 94 -4.32 -3.36 10.45
CA GLY B 94 -3.42 -2.27 10.77
C GLY B 94 -1.98 -2.66 10.56
N PHE B 95 -1.24 -1.81 9.86
CA PHE B 95 0.19 -2.00 9.62
C PHE B 95 0.98 -0.91 10.32
N GLY B 96 2.21 -1.26 10.71
CA GLY B 96 3.10 -0.27 11.26
C GLY B 96 3.73 0.60 10.18
N GLY B 97 4.37 1.68 10.63
CA GLY B 97 5.02 2.58 9.69
C GLY B 97 6.19 1.97 8.96
N GLY B 98 6.81 0.94 9.52
CA GLY B 98 7.94 0.30 8.88
C GLY B 98 9.27 0.78 9.42
N THR B 99 10.20 -0.14 9.60
CA THR B 99 11.56 0.18 10.06
C THR B 99 12.54 -0.30 9.01
N LYS B 100 13.33 0.63 8.48
CA LYS B 100 14.34 0.30 7.47
C LYS B 100 15.62 -0.12 8.17
N VAL B 101 16.11 -1.31 7.84
CA VAL B 101 17.34 -1.84 8.40
C VAL B 101 18.43 -1.72 7.34
N GLU B 102 19.43 -0.90 7.61
CA GLU B 102 20.54 -0.67 6.70
C GLU B 102 21.85 -1.10 7.37
N ILE B 103 22.91 -1.13 6.56
CA ILE B 103 24.24 -1.48 7.05
C ILE B 103 24.92 -0.21 7.54
N LYS B 104 25.55 -0.30 8.71
CA LYS B 104 26.31 0.80 9.29
C LYS B 104 27.79 0.54 9.05
N ARG B 105 28.46 1.47 8.38
CA ARG B 105 29.88 1.38 8.11
C ARG B 105 30.58 2.64 8.65
N THR B 106 31.90 2.69 8.49
CA THR B 106 32.65 3.86 8.87
C THR B 106 32.22 5.07 8.06
N VAL B 107 32.48 6.25 8.61
CA VAL B 107 32.11 7.50 7.94
C VAL B 107 32.92 7.63 6.65
N ALA B 108 32.23 7.91 5.56
CA ALA B 108 32.85 8.13 4.26
C ALA B 108 32.41 9.48 3.74
N ALA B 109 33.38 10.34 3.44
CA ALA B 109 33.07 11.66 2.94
C ALA B 109 32.69 11.60 1.46
N PRO B 110 31.78 12.46 1.01
CA PRO B 110 31.41 12.46 -0.41
C PRO B 110 32.43 13.20 -1.27
N SER B 111 32.48 12.79 -2.53
CA SER B 111 33.21 13.52 -3.56
C SER B 111 32.21 14.38 -4.32
N VAL B 112 32.38 15.69 -4.24
CA VAL B 112 31.40 16.65 -4.76
C VAL B 112 31.83 17.09 -6.15
N PHE B 113 30.90 17.05 -7.10
CA PHE B 113 31.11 17.53 -8.46
C PHE B 113 29.94 18.42 -8.85
N ILE B 114 30.19 19.27 -9.84
CA ILE B 114 29.16 20.17 -10.36
C ILE B 114 29.26 20.17 -11.88
N PHE B 115 28.10 20.22 -12.55
CA PHE B 115 28.05 20.15 -14.01
C PHE B 115 27.20 21.31 -14.52
N PRO B 116 27.75 22.21 -15.32
CA PRO B 116 26.94 23.26 -15.93
C PRO B 116 25.98 22.68 -16.95
N PRO B 117 24.95 23.42 -17.35
CA PRO B 117 24.07 22.94 -18.42
C PRO B 117 24.81 22.85 -19.75
N SER B 118 24.48 21.83 -20.53
CA SER B 118 25.05 21.70 -21.87
C SER B 118 24.41 22.72 -22.80
N ASP B 119 25.18 23.17 -23.78
CA ASP B 119 24.65 24.16 -24.73
C ASP B 119 23.50 23.61 -25.55
N GLU B 120 23.42 22.29 -25.72
CA GLU B 120 22.29 21.70 -26.45
C GLU B 120 20.99 21.88 -25.69
N GLN B 121 21.02 21.66 -24.36
CA GLN B 121 19.80 21.82 -23.57
C GLN B 121 19.37 23.28 -23.49
N LEU B 122 20.32 24.21 -23.52
CA LEU B 122 19.97 25.63 -23.50
C LEU B 122 19.24 26.05 -24.77
N LYS B 123 19.43 25.32 -25.88
CA LYS B 123 18.69 25.62 -27.10
C LYS B 123 17.20 25.38 -26.93
N SER B 124 16.82 24.37 -26.15
CA SER B 124 15.41 24.08 -25.90
C SER B 124 14.77 25.05 -24.93
N GLY B 125 15.55 25.89 -24.25
CA GLY B 125 15.02 26.85 -23.33
C GLY B 125 15.02 26.43 -21.87
N THR B 126 15.79 25.42 -21.50
CA THR B 126 15.84 24.93 -20.13
C THR B 126 17.28 24.69 -19.73
N ALA B 127 17.61 25.01 -18.48
CA ALA B 127 18.94 24.83 -17.92
C ALA B 127 18.86 23.91 -16.72
N SER B 128 19.70 22.88 -16.71
CA SER B 128 19.78 21.93 -15.60
C SER B 128 21.20 21.89 -15.07
N VAL B 129 21.38 22.32 -13.82
CA VAL B 129 22.66 22.27 -13.14
C VAL B 129 22.62 21.10 -12.16
N VAL B 130 23.63 20.24 -12.22
CA VAL B 130 23.65 18.99 -11.46
C VAL B 130 24.81 19.04 -10.46
N CYS B 131 24.51 18.76 -9.20
CA CYS B 131 25.50 18.66 -8.14
C CYS B 131 25.55 17.21 -7.67
N LEU B 132 26.71 16.58 -7.80
CA LEU B 132 26.86 15.15 -7.56
C LEU B 132 27.61 14.90 -6.26
N LEU B 133 27.02 14.07 -5.40
CA LEU B 133 27.64 13.59 -4.17
C LEU B 133 27.87 12.09 -4.32
N ASN B 134 29.13 11.67 -4.30
CA ASN B 134 29.51 10.32 -4.70
C ASN B 134 30.13 9.56 -3.53
N ASN B 135 29.57 8.38 -3.24
CA ASN B 135 30.13 7.43 -2.29
C ASN B 135 30.33 8.03 -0.90
N PHE B 136 29.25 8.20 -0.15
CA PHE B 136 29.33 8.75 1.19
C PHE B 136 28.45 7.95 2.14
N TYR B 137 28.79 8.01 3.43
CA TYR B 137 28.00 7.41 4.50
C TYR B 137 28.25 8.25 5.74
N PRO B 138 27.21 8.55 6.54
CA PRO B 138 25.82 8.08 6.42
C PRO B 138 24.99 8.81 5.37
N ARG B 139 23.71 8.45 5.30
CA ARG B 139 22.81 9.01 4.29
C ARG B 139 22.61 10.50 4.49
N GLU B 140 22.56 10.96 5.74
CA GLU B 140 22.26 12.37 6.02
C GLU B 140 23.30 13.28 5.37
N ALA B 141 22.83 14.17 4.50
CA ALA B 141 23.69 15.13 3.83
C ALA B 141 22.84 16.34 3.42
N LYS B 142 23.41 17.53 3.57
CA LYS B 142 22.71 18.78 3.28
C LYS B 142 23.34 19.41 2.04
N VAL B 143 22.51 19.68 1.04
CA VAL B 143 22.96 20.28 -0.22
C VAL B 143 22.17 21.57 -0.43
N GLN B 144 22.88 22.68 -0.58
CA GLN B 144 22.27 23.99 -0.75
C GLN B 144 22.75 24.62 -2.05
N TRP B 145 21.79 25.10 -2.86
CA TRP B 145 22.11 25.82 -4.08
C TRP B 145 22.12 27.32 -3.79
N LYS B 146 23.15 28.01 -4.28
CA LYS B 146 23.28 29.45 -4.11
C LYS B 146 23.68 30.06 -5.45
N VAL B 147 22.84 30.95 -5.96
CA VAL B 147 23.05 31.60 -7.26
C VAL B 147 23.25 33.08 -7.00
N ASP B 148 24.47 33.56 -7.24
CA ASP B 148 24.87 34.93 -6.92
C ASP B 148 24.60 35.23 -5.44
N ASN B 149 25.02 34.30 -4.59
CA ASN B 149 24.89 34.34 -3.13
C ASN B 149 23.45 34.29 -2.65
N ALA B 150 22.49 34.04 -3.53
CA ALA B 150 21.09 33.92 -3.14
C ALA B 150 20.75 32.44 -2.98
N LEU B 151 20.29 32.06 -1.78
CA LEU B 151 19.95 30.68 -1.51
C LEU B 151 18.70 30.29 -2.30
N GLN B 152 18.83 29.30 -3.17
CA GLN B 152 17.70 28.82 -3.95
C GLN B 152 16.79 27.95 -3.10
N SER B 153 15.52 27.89 -3.50
CA SER B 153 14.54 27.09 -2.77
C SER B 153 13.36 26.82 -3.69
N GLY B 154 12.90 25.57 -3.71
CA GLY B 154 11.75 25.18 -4.50
C GLY B 154 12.03 24.91 -5.97
N ASN B 155 13.29 24.96 -6.40
CA ASN B 155 13.64 24.73 -7.79
C ASN B 155 14.69 23.64 -7.96
N SER B 156 14.82 22.74 -6.98
CA SER B 156 15.79 21.66 -7.04
C SER B 156 15.16 20.38 -6.52
N GLN B 157 15.59 19.25 -7.08
CA GLN B 157 15.12 17.94 -6.69
C GLN B 157 16.31 17.02 -6.45
N GLU B 158 16.24 16.22 -5.40
CA GLU B 158 17.31 15.31 -5.04
C GLU B 158 16.90 13.87 -5.34
N SER B 159 17.90 13.05 -5.67
CA SER B 159 17.70 11.63 -5.92
C SER B 159 18.84 10.86 -5.27
N VAL B 160 18.49 9.82 -4.51
CA VAL B 160 19.47 9.04 -3.76
C VAL B 160 19.41 7.60 -4.23
N THR B 161 20.57 7.00 -4.47
CA THR B 161 20.64 5.60 -4.83
C THR B 161 20.39 4.71 -3.62
N GLU B 162 20.15 3.43 -3.89
CA GLU B 162 20.11 2.44 -2.82
C GLU B 162 21.53 2.23 -2.28
N GLN B 163 21.59 1.72 -1.06
CA GLN B 163 22.88 1.45 -0.43
C GLN B 163 23.65 0.42 -1.26
N ASP B 164 24.90 0.75 -1.56
CA ASP B 164 25.71 -0.10 -2.43
C ASP B 164 25.90 -1.48 -1.80
N SER B 165 25.81 -2.51 -2.63
CA SER B 165 25.86 -3.90 -2.15
C SER B 165 27.24 -4.32 -1.69
N LYS B 166 28.27 -3.51 -1.93
CA LYS B 166 29.65 -3.87 -1.60
C LYS B 166 30.29 -2.92 -0.61
N ASP B 167 30.35 -1.62 -0.91
CA ASP B 167 30.95 -0.66 0.02
C ASP B 167 29.96 -0.09 1.04
N SER B 168 28.65 -0.27 0.80
CA SER B 168 27.61 0.21 1.71
C SER B 168 27.59 1.74 1.81
N THR B 169 27.85 2.41 0.70
CA THR B 169 27.75 3.87 0.63
C THR B 169 26.55 4.29 -0.20
N TYR B 170 26.26 5.58 -0.15
CA TYR B 170 25.18 6.18 -0.93
C TYR B 170 25.75 7.20 -1.90
N SER B 171 24.95 7.51 -2.93
CA SER B 171 25.27 8.58 -3.87
C SER B 171 24.03 9.42 -4.09
N LEU B 172 24.22 10.73 -4.13
CA LEU B 172 23.12 11.68 -4.23
C LEU B 172 23.36 12.64 -5.38
N SER B 173 22.28 13.05 -6.03
CA SER B 173 22.32 14.05 -7.09
C SER B 173 21.27 15.11 -6.81
N SER B 174 21.66 16.38 -6.91
CA SER B 174 20.75 17.50 -6.77
C SER B 174 20.71 18.26 -8.10
N THR B 175 19.52 18.36 -8.68
CA THR B 175 19.33 18.97 -9.99
C THR B 175 18.58 20.28 -9.84
N LEU B 176 19.27 21.39 -10.08
CA LEU B 176 18.65 22.71 -10.11
C LEU B 176 18.09 22.95 -11.50
N THR B 177 16.79 23.25 -11.57
CA THR B 177 16.09 23.43 -12.84
C THR B 177 15.70 24.89 -13.00
N LEU B 178 16.25 25.53 -14.03
CA LEU B 178 15.93 26.91 -14.36
C LEU B 178 15.63 26.99 -15.86
N SER B 179 15.00 28.09 -16.25
CA SER B 179 14.81 28.39 -17.66
C SER B 179 16.04 29.15 -18.19
N LYS B 180 16.15 29.19 -19.51
CA LYS B 180 17.29 29.88 -20.12
C LYS B 180 17.29 31.37 -19.77
N ALA B 181 16.12 31.97 -19.64
CA ALA B 181 16.06 33.40 -19.33
C ALA B 181 16.62 33.70 -17.94
N ASP B 182 16.19 32.92 -16.94
CA ASP B 182 16.68 33.12 -15.58
C ASP B 182 18.11 32.63 -15.41
N TYR B 183 18.49 31.57 -16.14
CA TYR B 183 19.85 31.06 -16.03
C TYR B 183 20.87 32.07 -16.54
N GLU B 184 20.52 32.87 -17.54
CA GLU B 184 21.41 33.88 -18.09
C GLU B 184 21.35 35.19 -17.32
N LYS B 185 20.52 35.29 -16.28
CA LYS B 185 20.46 36.51 -15.47
C LYS B 185 21.51 36.55 -14.38
N HIS B 186 22.23 35.44 -14.14
CA HIS B 186 23.20 35.38 -13.06
C HIS B 186 24.51 34.79 -13.59
N LYS B 187 25.55 34.87 -12.76
CA LYS B 187 26.90 34.47 -13.14
C LYS B 187 27.42 33.29 -12.36
N VAL B 188 27.34 33.34 -11.02
CA VAL B 188 27.96 32.33 -10.16
C VAL B 188 26.90 31.32 -9.73
N TYR B 189 27.19 30.04 -9.96
CA TYR B 189 26.32 28.94 -9.56
C TYR B 189 27.13 27.99 -8.69
N ALA B 190 26.69 27.79 -7.46
CA ALA B 190 27.43 27.00 -6.48
C ALA B 190 26.49 26.11 -5.70
N CYS B 191 26.96 24.90 -5.37
CA CYS B 191 26.29 24.02 -4.41
C CYS B 191 27.25 23.73 -3.28
N GLU B 192 26.78 23.89 -2.05
CA GLU B 192 27.57 23.62 -0.86
C GLU B 192 27.04 22.36 -0.18
N VAL B 193 27.95 21.49 0.22
CA VAL B 193 27.61 20.18 0.77
C VAL B 193 28.13 20.13 2.21
N THR B 194 27.24 19.87 3.16
CA THR B 194 27.58 19.68 4.55
C THR B 194 27.36 18.23 4.91
N HIS B 195 28.44 17.53 5.28
CA HIS B 195 28.36 16.12 5.59
C HIS B 195 29.28 15.82 6.77
N GLN B 196 28.94 14.76 7.51
CA GLN B 196 29.70 14.37 8.70
C GLN B 196 31.14 14.02 8.36
N GLY B 197 31.39 13.49 7.16
CA GLY B 197 32.74 13.11 6.77
C GLY B 197 33.63 14.24 6.33
N LEU B 198 33.10 15.45 6.23
CA LEU B 198 33.87 16.62 5.81
C LEU B 198 34.20 17.47 7.04
N SER B 199 35.49 17.80 7.19
CA SER B 199 35.88 18.69 8.28
C SER B 199 35.26 20.06 8.14
N SER B 200 34.98 20.49 6.91
CA SER B 200 34.31 21.74 6.63
C SER B 200 33.46 21.55 5.38
N PRO B 201 32.37 22.30 5.23
CA PRO B 201 31.53 22.14 4.04
C PRO B 201 32.29 22.47 2.77
N VAL B 202 32.05 21.68 1.73
CA VAL B 202 32.73 21.80 0.45
C VAL B 202 31.84 22.56 -0.52
N THR B 203 32.44 23.46 -1.29
CA THR B 203 31.72 24.27 -2.27
C THR B 203 32.30 24.02 -3.65
N LYS B 204 31.43 23.72 -4.61
CA LYS B 204 31.79 23.60 -6.02
C LYS B 204 31.00 24.64 -6.80
N SER B 205 31.70 25.49 -7.53
CA SER B 205 31.07 26.60 -8.23
C SER B 205 31.64 26.73 -9.63
N PHE B 206 30.95 27.52 -10.45
CA PHE B 206 31.43 27.84 -11.79
C PHE B 206 30.76 29.14 -12.23
N ASN B 207 31.38 29.78 -13.23
CA ASN B 207 30.84 30.99 -13.82
C ASN B 207 30.18 30.65 -15.15
N ARG B 208 28.97 31.17 -15.36
CA ARG B 208 28.25 30.95 -16.61
C ARG B 208 29.04 31.51 -17.79
N GLY B 209 29.54 30.62 -18.64
CA GLY B 209 30.40 31.03 -19.73
C GLY B 209 31.88 30.98 -19.43
N GLU B 210 32.28 30.26 -18.37
CA GLU B 210 33.69 30.15 -17.96
C GLU B 210 34.33 31.51 -17.76
N ASP C 4 -45.50 3.50 7.92
CA ASP C 4 -45.79 2.86 9.20
C ASP C 4 -45.06 1.52 9.31
N THR C 5 -44.97 0.81 8.19
CA THR C 5 -44.28 -0.47 8.12
C THR C 5 -43.10 -0.37 7.16
N ILE C 6 -42.24 -1.38 7.22
CA ILE C 6 -41.08 -1.49 6.34
C ILE C 6 -41.36 -2.63 5.36
N THR C 7 -41.63 -2.29 4.11
CA THR C 7 -41.94 -3.27 3.09
C THR C 7 -40.65 -3.69 2.38
N LEU C 8 -40.38 -5.00 2.36
CA LEU C 8 -39.16 -5.53 1.75
C LEU C 8 -39.50 -6.23 0.45
N PRO C 9 -38.91 -5.84 -0.67
CA PRO C 9 -39.17 -6.56 -1.93
C PRO C 9 -38.57 -7.96 -1.88
N CYS C 10 -39.40 -8.96 -2.17
CA CYS C 10 -39.00 -10.35 -2.12
C CYS C 10 -39.25 -11.03 -3.46
N ARG C 11 -38.38 -11.98 -3.80
CA ARG C 11 -38.54 -12.79 -5.00
C ARG C 11 -38.08 -14.21 -4.72
N PRO C 12 -38.96 -15.22 -4.91
CA PRO C 12 -40.34 -15.06 -5.34
C PRO C 12 -41.28 -14.61 -4.22
N ALA C 13 -42.57 -14.59 -4.48
CA ALA C 13 -43.54 -14.12 -3.51
C ALA C 13 -43.71 -15.11 -2.36
N PRO C 14 -43.33 -14.78 -1.13
CA PRO C 14 -43.52 -15.70 -0.02
C PRO C 14 -44.98 -15.79 0.38
N PRO C 15 -45.54 -16.99 0.48
CA PRO C 15 -46.93 -17.14 0.92
C PRO C 15 -47.09 -16.72 2.38
N PRO C 16 -48.31 -16.41 2.81
CA PRO C 16 -48.49 -15.93 4.19
C PRO C 16 -48.02 -16.91 5.26
N HIS C 17 -48.06 -18.22 4.99
CA HIS C 17 -47.64 -19.19 5.99
C HIS C 17 -46.13 -19.22 6.19
N CYS C 18 -45.37 -18.48 5.39
CA CYS C 18 -43.93 -18.38 5.55
C CYS C 18 -43.51 -17.20 6.40
N SER C 19 -44.46 -16.50 7.02
CA SER C 19 -44.12 -15.45 7.97
C SER C 19 -43.39 -16.04 9.16
N SER C 20 -42.34 -15.37 9.60
CA SER C 20 -41.45 -15.89 10.63
C SER C 20 -41.28 -14.87 11.74
N ASN C 21 -40.52 -15.26 12.77
CA ASN C 21 -40.15 -14.41 13.88
C ASN C 21 -38.65 -14.14 13.84
N ILE C 22 -38.29 -12.87 13.67
CA ILE C 22 -36.88 -12.48 13.62
C ILE C 22 -36.32 -12.56 15.04
N THR C 23 -35.41 -13.50 15.26
CA THR C 23 -34.85 -13.73 16.59
C THR C 23 -33.40 -13.28 16.72
N GLY C 24 -32.73 -12.96 15.62
CA GLY C 24 -31.34 -12.54 15.71
C GLY C 24 -30.84 -12.03 14.38
N LEU C 25 -29.70 -11.34 14.44
CA LEU C 25 -29.02 -10.82 13.26
C LEU C 25 -27.57 -11.31 13.27
N ILE C 26 -26.90 -11.12 12.13
CA ILE C 26 -25.47 -11.38 12.02
C ILE C 26 -24.85 -10.24 11.21
N LEU C 27 -23.81 -9.62 11.77
CA LEU C 27 -23.29 -8.38 11.25
C LEU C 27 -21.79 -8.49 10.96
N THR C 28 -21.30 -7.55 10.15
CA THR C 28 -19.88 -7.41 9.87
C THR C 28 -19.50 -5.95 10.11
N ARG C 29 -18.56 -5.73 11.04
CA ARG C 29 -18.08 -4.38 11.31
C ARG C 29 -17.12 -3.93 10.22
N GLN C 30 -17.37 -2.77 9.65
CA GLN C 30 -16.54 -2.28 8.56
C GLN C 30 -15.17 -1.86 9.08
N GLY C 31 -14.13 -2.32 8.42
CA GLY C 31 -12.77 -2.05 8.83
C GLY C 31 -12.26 -0.72 8.30
N GLY C 32 -10.95 -0.54 8.42
CA GLY C 32 -10.32 0.69 8.02
C GLY C 32 -10.20 1.67 9.17
N TYR C 33 -9.98 2.94 8.79
CA TYR C 33 -9.81 4.03 9.76
C TYR C 33 -10.89 5.07 9.49
N SER C 34 -11.81 5.23 10.43
CA SER C 34 -12.84 6.25 10.32
C SER C 34 -12.26 7.62 10.65
N ASN C 35 -13.03 8.66 10.33
CA ASN C 35 -12.61 10.03 10.58
C ASN C 35 -13.11 10.57 11.91
N ALA C 36 -14.17 9.99 12.47
CA ALA C 36 -14.74 10.44 13.73
C ALA C 36 -15.09 9.23 14.58
N ASN C 37 -15.80 9.47 15.69
CA ASN C 37 -16.22 8.41 16.60
C ASN C 37 -17.48 7.72 16.07
N THR C 38 -17.32 7.09 14.91
CA THR C 38 -18.41 6.38 14.24
C THR C 38 -17.96 4.96 13.91
N VAL C 39 -18.78 3.98 14.27
CA VAL C 39 -18.53 2.58 13.94
C VAL C 39 -19.69 2.09 13.10
N ILE C 40 -19.37 1.50 11.94
CA ILE C 40 -20.34 1.14 10.92
C ILE C 40 -20.53 -0.36 10.89
N PHE C 41 -21.78 -0.80 10.76
CA PHE C 41 -22.12 -2.21 10.68
C PHE C 41 -22.98 -2.46 9.44
N ARG C 42 -22.81 -3.65 8.87
CA ARG C 42 -23.55 -4.08 7.69
C ARG C 42 -23.97 -5.53 7.90
N PRO C 43 -24.93 -6.02 7.12
CA PRO C 43 -25.20 -7.46 7.11
C PRO C 43 -23.94 -8.24 6.83
N SER C 44 -23.87 -9.45 7.39
CA SER C 44 -22.63 -10.21 7.39
C SER C 44 -22.10 -10.44 5.98
N GLY C 45 -20.83 -10.12 5.77
CA GLY C 45 -20.14 -10.33 4.52
C GLY C 45 -19.47 -11.69 4.40
N GLY C 46 -19.70 -12.60 5.34
CA GLY C 46 -19.13 -13.93 5.30
C GLY C 46 -20.01 -14.90 4.54
N ASP C 47 -19.93 -16.17 4.93
CA ASP C 47 -20.73 -17.21 4.29
C ASP C 47 -21.50 -18.03 5.31
N TRP C 48 -21.70 -19.33 5.02
CA TRP C 48 -22.47 -20.18 5.92
C TRP C 48 -21.72 -20.50 7.20
N ARG C 49 -20.40 -20.40 7.21
CA ARG C 49 -19.66 -20.70 8.43
C ARG C 49 -19.92 -19.66 9.52
N ASP C 50 -20.10 -18.39 9.14
CA ASP C 50 -20.42 -17.37 10.11
C ASP C 50 -21.81 -17.59 10.71
N ILE C 51 -22.75 -18.09 9.90
CA ILE C 51 -24.11 -18.31 10.40
C ILE C 51 -24.17 -19.56 11.26
N ALA C 52 -23.44 -20.62 10.88
CA ALA C 52 -23.50 -21.87 11.63
C ALA C 52 -22.87 -21.71 13.01
N ARG C 53 -21.74 -21.01 13.10
CA ARG C 53 -21.06 -20.81 14.37
C ARG C 53 -21.75 -19.79 15.26
N CYS C 54 -22.83 -19.16 14.78
CA CYS C 54 -23.67 -18.34 15.66
C CYS C 54 -24.38 -19.22 16.68
N GLN C 55 -25.03 -20.29 16.22
CA GLN C 55 -25.74 -21.25 17.07
C GLN C 55 -26.86 -20.56 17.87
N ILE C 56 -27.64 -19.74 17.18
CA ILE C 56 -28.86 -19.17 17.74
C ILE C 56 -29.99 -19.35 16.73
N ALA C 57 -29.79 -20.24 15.77
CA ALA C 57 -30.77 -20.52 14.74
C ALA C 57 -31.52 -21.81 15.04
N GLY C 58 -32.66 -21.97 14.38
CA GLY C 58 -33.48 -23.16 14.48
C GLY C 58 -33.31 -24.06 13.27
N THR C 59 -34.43 -24.61 12.80
CA THR C 59 -34.41 -25.44 11.60
C THR C 59 -34.47 -24.62 10.33
N VAL C 60 -34.82 -23.34 10.41
CA VAL C 60 -34.92 -22.49 9.23
C VAL C 60 -33.52 -22.07 8.80
N VAL C 61 -33.21 -22.26 7.52
CA VAL C 61 -31.94 -21.83 6.94
C VAL C 61 -32.13 -20.43 6.38
N SER C 62 -31.40 -19.46 6.91
CA SER C 62 -31.56 -18.07 6.49
C SER C 62 -30.22 -17.36 6.57
N THR C 63 -30.15 -16.22 5.87
CA THR C 63 -28.99 -15.35 5.88
C THR C 63 -29.37 -13.99 6.45
N GLN C 64 -28.37 -13.29 6.99
CA GLN C 64 -28.52 -11.96 7.57
C GLN C 64 -29.42 -11.97 8.80
N LEU C 65 -30.67 -12.40 8.64
CA LEU C 65 -31.64 -12.42 9.72
C LEU C 65 -31.94 -13.87 10.12
N PHE C 66 -32.00 -14.12 11.43
CA PHE C 66 -32.34 -15.42 11.96
C PHE C 66 -33.85 -15.52 12.13
N LEU C 67 -34.46 -16.48 11.45
CA LEU C 67 -35.91 -16.69 11.50
C LEU C 67 -36.22 -17.93 12.33
N ASN C 68 -37.13 -17.76 13.29
CA ASN C 68 -37.58 -18.86 14.15
C ASN C 68 -36.41 -19.50 14.90
N GLY C 69 -35.60 -18.66 15.54
CA GLY C 69 -34.44 -19.14 16.26
C GLY C 69 -34.49 -18.89 17.75
N SER C 70 -33.34 -19.03 18.41
CA SER C 70 -33.25 -18.86 19.85
C SER C 70 -33.32 -17.39 20.22
N LEU C 71 -34.16 -17.06 21.20
CA LEU C 71 -34.27 -15.71 21.72
C LEU C 71 -33.53 -15.60 23.05
N ALA C 72 -33.09 -14.38 23.37
CA ALA C 72 -32.46 -14.14 24.64
C ALA C 72 -33.49 -14.09 25.75
N GLU C 73 -33.03 -14.29 26.98
CA GLU C 73 -33.95 -14.38 28.12
C GLU C 73 -34.48 -13.00 28.50
N GLU C 74 -33.59 -12.01 28.64
CA GLU C 74 -33.97 -10.71 29.15
C GLU C 74 -33.64 -9.58 28.18
N GLU C 75 -32.37 -9.41 27.82
CA GLU C 75 -31.94 -8.35 26.93
C GLU C 75 -31.12 -8.93 25.79
N VAL C 76 -30.88 -8.09 24.78
CA VAL C 76 -30.12 -8.50 23.61
C VAL C 76 -28.72 -8.91 24.03
N VAL C 77 -28.23 -10.02 23.47
CA VAL C 77 -26.89 -10.52 23.74
C VAL C 77 -26.13 -10.59 22.42
N ILE C 78 -25.04 -9.81 22.34
CA ILE C 78 -24.16 -9.81 21.18
C ILE C 78 -22.90 -10.56 21.54
N ARG C 79 -22.38 -11.33 20.59
CA ARG C 79 -21.20 -12.15 20.83
C ARG C 79 -20.34 -12.21 19.58
N SER C 80 -19.05 -12.44 19.79
CA SER C 80 -18.09 -12.52 18.70
C SER C 80 -16.83 -13.21 19.21
N GLU C 81 -16.05 -13.76 18.31
CA GLU C 81 -14.80 -14.41 18.68
C GLU C 81 -13.66 -13.45 18.87
N ASP C 82 -13.69 -12.36 18.13
CA ASP C 82 -12.79 -11.25 18.31
C ASP C 82 -13.48 -10.01 17.86
N TRP C 83 -13.61 -9.06 18.77
CA TRP C 83 -14.33 -7.85 18.46
C TRP C 83 -13.45 -6.96 17.64
N ARG C 84 -12.18 -7.28 17.61
CA ARG C 84 -11.25 -6.48 16.86
C ARG C 84 -10.86 -7.10 15.54
N ASP C 85 -11.45 -8.22 15.17
CA ASP C 85 -11.24 -8.84 13.87
C ASP C 85 -12.47 -8.59 13.03
N ASN C 86 -12.38 -7.65 12.09
CA ASN C 86 -13.51 -7.37 11.20
C ASN C 86 -13.86 -8.54 10.28
N ALA C 87 -12.98 -9.53 10.15
CA ALA C 87 -13.30 -10.73 9.41
C ALA C 87 -14.13 -11.72 10.21
N LYS C 88 -14.30 -11.49 11.50
CA LYS C 88 -15.17 -12.30 12.35
C LYS C 88 -16.53 -11.61 12.45
N SER C 89 -17.60 -12.36 12.21
CA SER C 89 -18.93 -11.80 12.27
C SER C 89 -19.34 -11.55 13.73
N ILE C 90 -20.31 -10.64 13.90
CA ILE C 90 -20.85 -10.29 15.20
C ILE C 90 -22.24 -10.87 15.29
N CYS C 91 -22.44 -11.80 16.22
CA CYS C 91 -23.71 -12.52 16.36
C CYS C 91 -24.61 -11.78 17.34
N VAL C 92 -25.76 -11.32 16.84
CA VAL C 92 -26.74 -10.59 17.65
C VAL C 92 -27.92 -11.51 17.92
N GLN C 93 -28.24 -11.71 19.19
CA GLN C 93 -29.37 -12.54 19.62
C GLN C 93 -30.39 -11.64 20.31
N LEU C 94 -31.56 -11.49 19.70
CA LEU C 94 -32.60 -10.66 20.27
C LEU C 94 -33.23 -11.34 21.48
N ALA C 95 -33.90 -10.53 22.30
CA ALA C 95 -34.71 -11.02 23.42
C ALA C 95 -36.19 -11.02 23.10
N THR C 96 -36.68 -10.02 22.38
CA THR C 96 -38.05 -9.94 21.92
C THR C 96 -38.07 -10.10 20.41
N SER C 97 -38.74 -11.14 19.92
CA SER C 97 -38.79 -11.40 18.50
C SER C 97 -39.57 -10.31 17.77
N VAL C 98 -39.16 -10.04 16.54
CA VAL C 98 -39.83 -9.08 15.67
C VAL C 98 -40.50 -9.87 14.55
N GLU C 99 -41.80 -9.72 14.41
CA GLU C 99 -42.56 -10.51 13.45
C GLU C 99 -42.50 -9.87 12.06
N ILE C 100 -42.16 -10.68 11.06
CA ILE C 100 -42.15 -10.25 9.67
C ILE C 100 -43.30 -10.97 8.96
N ALA C 101 -44.23 -10.20 8.43
CA ALA C 101 -45.45 -10.73 7.83
C ALA C 101 -45.36 -10.59 6.31
N CYS C 102 -45.40 -11.73 5.62
CA CYS C 102 -45.38 -11.75 4.16
C CYS C 102 -46.81 -11.83 3.63
N THR C 103 -47.14 -10.91 2.72
CA THR C 103 -48.51 -10.84 2.19
C THR C 103 -48.78 -11.97 1.20
N GLY C 104 -47.94 -12.10 0.19
CA GLY C 104 -48.13 -13.12 -0.83
C GLY C 104 -47.97 -12.57 -2.23
N ALA C 105 -47.82 -11.25 -2.35
CA ALA C 105 -47.64 -10.60 -3.63
C ALA C 105 -46.19 -10.21 -3.90
N GLY C 106 -45.26 -10.73 -3.13
CA GLY C 106 -43.86 -10.45 -3.32
C GLY C 106 -43.26 -9.42 -2.40
N HIS C 107 -43.82 -9.23 -1.21
CA HIS C 107 -43.29 -8.25 -0.28
C HIS C 107 -43.71 -8.61 1.14
N CYS C 108 -42.75 -8.64 2.05
CA CYS C 108 -42.99 -8.94 3.45
C CYS C 108 -42.87 -7.66 4.27
N ALA C 109 -43.73 -7.52 5.27
CA ALA C 109 -43.84 -6.30 6.04
C ALA C 109 -43.16 -6.44 7.39
N ILE C 110 -42.64 -5.32 7.89
CA ILE C 110 -42.00 -5.24 9.20
C ILE C 110 -42.35 -3.88 9.80
N SER C 111 -42.76 -3.87 11.07
CA SER C 111 -43.15 -2.61 11.70
C SER C 111 -41.95 -1.71 11.86
N ARG C 112 -42.13 -0.44 11.49
CA ARG C 112 -41.02 0.50 11.48
C ARG C 112 -40.55 0.85 12.90
N ALA C 113 -41.51 1.09 13.81
CA ALA C 113 -41.14 1.52 15.15
C ALA C 113 -40.49 0.39 15.94
N LYS C 114 -41.04 -0.82 15.84
CA LYS C 114 -40.53 -1.94 16.61
C LYS C 114 -39.21 -2.46 16.06
N TRP C 115 -38.88 -2.15 14.80
CA TRP C 115 -37.55 -2.44 14.28
C TRP C 115 -36.54 -1.39 14.71
N ALA C 116 -36.96 -0.13 14.80
CA ALA C 116 -36.07 0.92 15.29
C ALA C 116 -35.78 0.76 16.78
N ASN C 117 -36.74 0.23 17.55
CA ASN C 117 -36.50 -0.04 18.96
C ASN C 117 -35.45 -1.12 19.14
N THR C 118 -35.49 -2.16 18.30
CA THR C 118 -34.49 -3.22 18.41
C THR C 118 -33.11 -2.75 17.94
N LEU C 119 -33.07 -1.88 16.93
CA LEU C 119 -31.79 -1.37 16.46
C LEU C 119 -31.13 -0.47 17.50
N LYS C 120 -31.92 0.21 18.34
CA LYS C 120 -31.34 1.06 19.37
C LYS C 120 -30.81 0.23 20.54
N GLN C 121 -31.49 -0.87 20.87
CA GLN C 121 -30.96 -1.77 21.88
C GLN C 121 -29.69 -2.46 21.39
N ILE C 122 -29.64 -2.78 20.09
CA ILE C 122 -28.43 -3.37 19.51
C ILE C 122 -27.29 -2.37 19.53
N ALA C 123 -27.57 -1.11 19.15
CA ALA C 123 -26.54 -0.09 19.21
C ALA C 123 -26.08 0.18 20.64
N SER C 124 -26.96 -0.06 21.62
CA SER C 124 -26.57 0.11 23.01
C SER C 124 -25.58 -0.97 23.45
N LYS C 125 -25.84 -2.22 23.07
CA LYS C 125 -24.93 -3.31 23.41
C LYS C 125 -23.61 -3.19 22.64
N LEU C 126 -23.64 -2.60 21.44
CA LEU C 126 -22.41 -2.46 20.66
C LEU C 126 -21.48 -1.40 21.25
N ARG C 127 -22.03 -0.38 21.91
CA ARG C 127 -21.19 0.63 22.54
C ARG C 127 -20.44 0.09 23.75
N GLU C 128 -20.94 -0.97 24.37
CA GLU C 128 -20.22 -1.57 25.49
C GLU C 128 -18.93 -2.25 25.05
N GLN C 129 -18.84 -2.65 23.78
CA GLN C 129 -17.64 -3.30 23.25
C GLN C 129 -16.74 -2.35 22.48
N TYR C 130 -17.29 -1.29 21.90
CA TYR C 130 -16.50 -0.37 21.07
C TYR C 130 -16.50 1.05 21.64
N GLY C 131 -16.90 1.22 22.89
CA GLY C 131 -16.93 2.53 23.52
C GLY C 131 -18.13 3.35 23.11
N ALA C 132 -18.37 4.42 23.86
CA ALA C 132 -19.49 5.31 23.60
C ALA C 132 -19.25 6.12 22.33
N LYS C 133 -19.63 5.57 21.19
CA LYS C 133 -19.43 6.22 19.90
C LYS C 133 -20.75 6.22 19.13
N THR C 134 -20.70 6.71 17.90
CA THR C 134 -21.86 6.74 17.03
C THR C 134 -21.96 5.43 16.26
N ILE C 135 -23.10 4.76 16.38
CA ILE C 135 -23.33 3.47 15.74
C ILE C 135 -24.19 3.71 14.50
N ILE C 136 -23.71 3.26 13.34
CA ILE C 136 -24.39 3.44 12.07
C ILE C 136 -24.58 2.07 11.42
N PHE C 137 -25.77 1.83 10.87
CA PHE C 137 -26.07 0.63 10.13
C PHE C 137 -26.22 0.98 8.66
N LYS C 138 -25.52 0.24 7.80
CA LYS C 138 -25.51 0.49 6.36
C LYS C 138 -25.86 -0.80 5.63
N PRO C 139 -26.37 -0.70 4.41
CA PRO C 139 -26.76 -1.90 3.67
C PRO C 139 -25.57 -2.80 3.39
N SER C 140 -25.88 -3.97 2.81
CA SER C 140 -24.85 -4.95 2.52
C SER C 140 -23.84 -4.39 1.52
N SER C 141 -22.58 -4.77 1.72
CA SER C 141 -21.51 -4.33 0.82
C SER C 141 -21.55 -5.03 -0.53
N GLY C 142 -22.47 -5.96 -0.74
CA GLY C 142 -22.58 -6.71 -1.98
C GLY C 142 -22.36 -8.19 -1.77
N GLY C 143 -22.53 -8.94 -2.85
CA GLY C 143 -22.30 -10.38 -2.83
C GLY C 143 -23.33 -11.10 -3.66
N ASP C 144 -23.27 -12.43 -3.60
CA ASP C 144 -24.20 -13.27 -4.35
C ASP C 144 -25.63 -13.08 -3.84
N PRO C 145 -26.63 -13.42 -4.65
CA PRO C 145 -28.02 -13.10 -4.28
C PRO C 145 -28.46 -13.64 -2.93
N GLU C 146 -27.99 -14.84 -2.54
CA GLU C 146 -28.45 -15.41 -1.28
C GLU C 146 -27.86 -14.71 -0.06
N PHE C 147 -26.76 -13.98 -0.21
CA PHE C 147 -26.13 -13.30 0.91
C PHE C 147 -26.28 -11.78 0.88
N VAL C 148 -26.37 -11.17 -0.30
CA VAL C 148 -26.64 -9.75 -0.38
C VAL C 148 -28.08 -9.45 0.02
N ASN C 149 -28.97 -10.43 -0.09
CA ASN C 149 -30.36 -10.30 0.31
C ASN C 149 -30.62 -11.17 1.53
N HIS C 150 -31.70 -10.85 2.25
CA HIS C 150 -32.19 -11.72 3.29
C HIS C 150 -32.88 -12.92 2.64
N SER C 151 -32.23 -14.07 2.68
CA SER C 151 -32.74 -15.28 2.06
C SER C 151 -33.18 -16.28 3.12
N PHE C 152 -34.10 -17.16 2.74
CA PHE C 152 -34.60 -18.19 3.64
C PHE C 152 -35.32 -19.24 2.81
N ASN C 153 -35.50 -20.41 3.42
CA ASN C 153 -36.24 -21.51 2.80
C ASN C 153 -37.58 -21.69 3.52
N CYS C 154 -38.57 -22.16 2.77
CA CYS C 154 -39.91 -22.38 3.32
C CYS C 154 -40.63 -23.38 2.43
N GLY C 155 -40.75 -24.61 2.91
CA GLY C 155 -41.53 -25.60 2.17
C GLY C 155 -40.89 -26.01 0.85
N GLY C 156 -39.57 -26.10 0.83
CA GLY C 156 -38.85 -26.50 -0.37
C GLY C 156 -38.45 -25.36 -1.27
N GLU C 157 -39.11 -24.21 -1.18
CA GLU C 157 -38.75 -23.06 -2.01
C GLU C 157 -37.76 -22.16 -1.29
N PHE C 158 -37.08 -21.34 -2.08
CA PHE C 158 -36.05 -20.43 -1.59
C PHE C 158 -36.41 -19.01 -2.01
N PHE C 159 -36.41 -18.09 -1.05
CA PHE C 159 -36.86 -16.73 -1.28
C PHE C 159 -35.74 -15.74 -1.00
N TYR C 160 -35.71 -14.66 -1.80
CA TYR C 160 -34.71 -13.60 -1.67
C TYR C 160 -35.42 -12.29 -1.38
N CYS C 161 -35.11 -11.68 -0.24
CA CYS C 161 -35.72 -10.41 0.15
C CYS C 161 -34.63 -9.36 0.31
N ALA C 162 -34.80 -8.23 -0.38
CA ALA C 162 -33.84 -7.13 -0.27
C ALA C 162 -33.94 -6.47 1.10
N SER C 163 -32.84 -6.44 1.82
CA SER C 163 -32.80 -5.91 3.19
C SER C 163 -32.21 -4.51 3.26
N THR C 164 -32.31 -3.74 2.17
CA THR C 164 -31.69 -2.42 2.14
C THR C 164 -32.34 -1.48 3.15
N GLN C 165 -33.67 -1.51 3.26
CA GLN C 165 -34.39 -0.60 4.14
C GLN C 165 -34.20 -0.93 5.62
N LEU C 166 -33.70 -2.12 5.95
CA LEU C 166 -33.54 -2.49 7.35
C LEU C 166 -32.26 -1.93 7.97
N PHE C 167 -31.26 -1.57 7.15
CA PHE C 167 -29.96 -1.14 7.64
C PHE C 167 -29.64 0.23 7.04
N ALA C 168 -30.27 1.26 7.58
CA ALA C 168 -30.04 2.63 7.12
C ALA C 168 -30.40 3.63 8.21
N SER C 169 -29.76 3.52 9.37
CA SER C 169 -30.05 4.39 10.50
C SER C 169 -28.76 4.76 11.20
N THR C 170 -28.82 5.86 11.97
CA THR C 170 -27.70 6.36 12.75
C THR C 170 -28.18 6.60 14.18
N TRP C 171 -27.40 6.12 15.15
CA TRP C 171 -27.76 6.21 16.55
C TRP C 171 -26.63 6.87 17.33
N PHE C 172 -26.95 7.93 18.07
CA PHE C 172 -25.97 8.63 18.88
C PHE C 172 -26.12 8.29 20.36
C1 NAG D . -43.95 -15.16 16.83
C2 NAG D . -45.05 -15.71 15.93
C3 NAG D . -46.41 -15.43 16.56
C4 NAG D . -46.45 -15.97 18.00
C5 NAG D . -45.28 -15.35 18.80
C6 NAG D . -45.20 -15.88 20.22
C7 NAG D . -44.70 -15.85 13.50
C8 NAG D . -44.74 -15.15 12.17
N2 NAG D . -45.03 -15.15 14.60
O3 NAG D . -47.39 -16.02 15.74
O4 NAG D . -47.69 -15.66 18.57
O5 NAG D . -44.08 -15.70 18.13
O6 NAG D . -44.97 -17.27 20.22
O7 NAG D . -44.37 -17.02 13.60
C1 NAG E . -41.62 -19.84 11.43
C2 NAG E . -41.84 -20.51 10.07
C3 NAG E . -43.29 -20.37 9.61
C4 NAG E . -44.24 -20.82 10.71
C5 NAG E . -43.94 -20.00 11.95
C6 NAG E . -44.85 -20.31 13.11
C7 NAG E . -40.22 -20.66 8.21
C8 NAG E . -39.39 -19.86 7.24
N2 NAG E . -40.97 -19.94 9.07
O3 NAG E . -43.44 -21.13 8.44
O4 NAG E . -45.56 -20.60 10.24
O5 NAG E . -42.61 -20.25 12.35
O6 NAG E . -44.69 -21.65 13.51
O7 NAG E . -40.21 -21.88 8.19
#